data_4FK8
#
_entry.id   4FK8
#
_cell.length_a   70.580
_cell.length_b   86.200
_cell.length_c   102.130
_cell.angle_alpha   90.00
_cell.angle_beta   90.00
_cell.angle_gamma   90.00
#
_symmetry.space_group_name_H-M   'P 21 21 21'
#
loop_
_entity.id
_entity.type
_entity.pdbx_description
1 polymer 'Ferredoxin--NADP reductase'
2 non-polymer 'FLAVIN-ADENINE DINUCLEOTIDE'
3 water water
#
_entity_poly.entity_id   1
_entity_poly.type   'polypeptide(L)'
_entity_poly.pdbx_seq_one_letter_code
;MGPLWGPLYAPVSESMSKFDTATVLSVHHWTDTLFSFTCTRDQALRFNNGEFTMVGLEVDGKPLTRAYSIVSPNYEEHLE
FFSIKVQNGPLTSRLQHLKVGDPVLIGKKPTGTLVADNLLPGKTLWMLSTGTGLAPFMSIIRDPDIYERFDKVVLTHTCR
LKGELAYMDYIKHDLPGHEYLGDVIREKLVYYPTVTREEFENEGRITDLIASGKLFTDLDMPPFSPEQDRVMLCGSTAML
KDTTELLKKAGLVEGKNSAPGHYVIERAFVD
;
_entity_poly.pdbx_strand_id   A,B
#
loop_
_chem_comp.id
_chem_comp.type
_chem_comp.name
_chem_comp.formula
FAD non-polymer 'FLAVIN-ADENINE DINUCLEOTIDE' 'C27 H33 N9 O15 P2'
#
# COMPACT_ATOMS: atom_id res chain seq x y z
N LYS A 18 -2.68 16.61 -27.85
CA LYS A 18 -2.18 15.21 -27.75
C LYS A 18 -2.16 14.63 -26.30
N PHE A 19 -2.56 15.44 -25.32
CA PHE A 19 -2.53 15.05 -23.88
C PHE A 19 -3.89 15.19 -23.23
N ASP A 20 -4.21 14.26 -22.35
CA ASP A 20 -5.31 14.44 -21.42
C ASP A 20 -4.74 15.25 -20.26
N THR A 21 -5.55 16.15 -19.71
CA THR A 21 -5.21 16.79 -18.46
C THR A 21 -5.93 16.05 -17.36
N ALA A 22 -5.18 15.24 -16.62
CA ALA A 22 -5.76 14.39 -15.58
C ALA A 22 -5.67 15.12 -14.25
N THR A 23 -6.37 14.60 -13.25
CA THR A 23 -6.31 15.15 -11.89
C THR A 23 -5.61 14.15 -11.00
N VAL A 24 -4.63 14.62 -10.24
CA VAL A 24 -3.90 13.75 -9.33
C VAL A 24 -4.81 13.32 -8.17
N LEU A 25 -4.91 12.03 -7.94
CA LEU A 25 -5.80 11.48 -6.89
C LEU A 25 -5.08 11.20 -5.56
N SER A 26 -3.82 10.79 -5.64
CA SER A 26 -3.04 10.45 -4.45
C SER A 26 -1.56 10.61 -4.75
N VAL A 27 -0.75 10.88 -3.71
CA VAL A 27 0.69 11.08 -3.88
CA VAL A 27 0.70 11.09 -3.87
C VAL A 27 1.42 10.39 -2.73
N HIS A 28 2.51 9.70 -3.03
CA HIS A 28 3.24 8.90 -2.03
C HIS A 28 4.72 9.11 -2.16
N HIS A 29 5.37 9.44 -1.05
CA HIS A 29 6.83 9.56 -1.01
C HIS A 29 7.37 8.38 -0.25
N TRP A 30 7.97 7.45 -0.99
CA TRP A 30 8.46 6.19 -0.37
C TRP A 30 9.82 6.34 0.22
N THR A 31 10.69 7.09 -0.46
CA THR A 31 12.05 7.40 0.00
C THR A 31 12.29 8.87 -0.40
N ASP A 32 13.47 9.37 -0.10
CA ASP A 32 13.84 10.74 -0.50
C ASP A 32 14.14 10.84 -2.00
N THR A 33 14.14 9.72 -2.72
CA THR A 33 14.40 9.78 -4.17
C THR A 33 13.28 9.19 -5.03
N LEU A 34 12.24 8.66 -4.39
CA LEU A 34 11.22 7.92 -5.12
C LEU A 34 9.82 8.30 -4.67
N PHE A 35 8.97 8.61 -5.65
CA PHE A 35 7.59 8.92 -5.39
C PHE A 35 6.67 8.25 -6.40
N SER A 36 5.44 8.01 -6.00
CA SER A 36 4.44 7.52 -6.93
C SER A 36 3.22 8.42 -6.80
N PHE A 37 2.37 8.36 -7.80
CA PHE A 37 1.10 9.07 -7.74
C PHE A 37 0.08 8.33 -8.58
N THR A 38 -1.19 8.56 -8.27
CA THR A 38 -2.29 8.03 -9.09
C THR A 38 -3.09 9.21 -9.59
N CYS A 39 -3.74 9.03 -10.73
CA CYS A 39 -4.47 10.13 -11.33
C CYS A 39 -5.63 9.57 -12.15
N THR A 40 -6.54 10.45 -12.54
CA THR A 40 -7.70 10.06 -13.36
C THR A 40 -7.25 9.53 -14.71
N ARG A 41 -8.08 8.68 -15.30
CA ARG A 41 -7.73 7.98 -16.51
C ARG A 41 -8.79 8.25 -17.57
N ASP A 42 -8.40 8.88 -18.68
CA ASP A 42 -9.33 9.13 -19.76
C ASP A 42 -9.85 7.81 -20.32
N GLN A 43 -11.13 7.77 -20.66
CA GLN A 43 -11.75 6.60 -21.28
C GLN A 43 -11.03 6.15 -22.54
N ALA A 44 -10.38 7.08 -23.25
CA ALA A 44 -9.60 6.73 -24.44
C ALA A 44 -8.28 6.01 -24.10
N LEU A 45 -7.81 6.16 -22.87
CA LEU A 45 -6.54 5.55 -22.48
C LEU A 45 -6.71 4.03 -22.25
N ARG A 46 -6.34 3.26 -23.26
CA ARG A 46 -6.43 1.83 -23.23
C ARG A 46 -5.07 1.29 -23.52
N PHE A 47 -4.66 0.24 -22.81
CA PHE A 47 -3.32 -0.23 -22.95
C PHE A 47 -3.17 -1.68 -22.55
N ASN A 48 -2.02 -2.25 -22.93
CA ASN A 48 -1.64 -3.60 -22.49
C ASN A 48 -0.62 -3.43 -21.35
N ASN A 49 -0.88 -4.08 -20.22
CA ASN A 49 0.06 -4.07 -19.11
C ASN A 49 1.51 -4.19 -19.60
N GLY A 50 2.34 -3.26 -19.19
CA GLY A 50 3.72 -3.26 -19.68
C GLY A 50 4.05 -2.03 -20.50
N GLU A 51 3.04 -1.40 -21.06
CA GLU A 51 3.25 -0.26 -21.97
C GLU A 51 3.56 0.99 -21.19
N PHE A 52 4.13 2.00 -21.89
CA PHE A 52 4.40 3.31 -21.31
C PHE A 52 3.57 4.39 -22.01
N THR A 53 3.44 5.55 -21.36
CA THR A 53 2.93 6.71 -22.06
C THR A 53 3.70 7.95 -21.59
N MET A 54 3.42 9.10 -22.19
CA MET A 54 4.05 10.36 -21.77
C MET A 54 3.34 10.96 -20.55
N VAL A 55 4.13 11.50 -19.62
CA VAL A 55 3.57 12.17 -18.46
C VAL A 55 4.33 13.49 -18.32
N GLY A 56 3.62 14.55 -18.01
CA GLY A 56 4.33 15.79 -17.72
C GLY A 56 3.48 16.91 -17.17
N LEU A 57 4.04 18.10 -17.30
CA LEU A 57 3.47 19.32 -16.74
C LEU A 57 3.63 20.42 -17.76
N GLU A 58 2.75 21.39 -17.71
CA GLU A 58 2.92 22.60 -18.49
C GLU A 58 3.93 23.52 -17.81
N VAL A 59 5.02 23.83 -18.52
CA VAL A 59 6.06 24.69 -17.97
C VAL A 59 6.29 25.80 -18.99
N ASP A 60 6.22 27.04 -18.50
CA ASP A 60 6.36 28.25 -19.34
C ASP A 60 5.51 28.16 -20.63
N GLY A 61 4.23 27.82 -20.46
CA GLY A 61 3.30 27.68 -21.58
C GLY A 61 3.49 26.50 -22.54
N LYS A 62 4.40 25.58 -22.23
CA LYS A 62 4.66 24.41 -23.11
C LYS A 62 4.61 23.09 -22.33
N PRO A 63 4.27 21.98 -23.00
CA PRO A 63 4.33 20.68 -22.34
C PRO A 63 5.79 20.25 -22.09
N LEU A 64 6.09 19.92 -20.84
CA LEU A 64 7.37 19.28 -20.54
C LEU A 64 7.06 17.84 -20.12
N THR A 65 7.44 16.88 -20.96
CA THR A 65 6.99 15.50 -20.79
C THR A 65 8.11 14.47 -20.93
N ARG A 66 7.90 13.34 -20.25
CA ARG A 66 8.82 12.22 -20.29
C ARG A 66 8.01 10.92 -20.39
N ALA A 67 8.64 9.88 -20.94
CA ALA A 67 8.07 8.53 -20.98
C ALA A 67 8.02 7.97 -19.57
N TYR A 68 6.89 7.35 -19.21
CA TYR A 68 6.73 6.62 -17.93
C TYR A 68 5.98 5.34 -18.14
N SER A 69 6.46 4.26 -17.56
CA SER A 69 5.72 3.00 -17.60
C SER A 69 4.45 3.18 -16.78
N ILE A 70 3.36 2.59 -17.26
CA ILE A 70 2.10 2.62 -16.53
C ILE A 70 2.16 1.49 -15.54
N VAL A 71 2.20 1.85 -14.25
CA VAL A 71 2.40 0.89 -13.17
C VAL A 71 1.09 0.12 -12.89
N SER A 72 -0.04 0.81 -13.07
CA SER A 72 -1.32 0.22 -12.80
C SER A 72 -1.66 -0.81 -13.87
N PRO A 73 -2.41 -1.86 -13.48
CA PRO A 73 -2.90 -2.79 -14.51
C PRO A 73 -4.02 -2.13 -15.31
N ASN A 74 -4.26 -2.60 -16.53
CA ASN A 74 -5.27 -1.97 -17.37
C ASN A 74 -6.73 -2.10 -16.88
N TYR A 75 -6.98 -2.97 -15.89
CA TYR A 75 -8.32 -3.06 -15.32
C TYR A 75 -8.54 -2.11 -14.13
N GLU A 76 -7.48 -1.42 -13.68
CA GLU A 76 -7.62 -0.43 -12.63
C GLU A 76 -8.15 0.87 -13.21
N GLU A 77 -9.08 1.48 -12.49
CA GLU A 77 -9.91 2.55 -13.04
C GLU A 77 -9.12 3.85 -13.03
N HIS A 78 -8.08 3.93 -12.22
CA HIS A 78 -7.14 5.05 -12.27
C HIS A 78 -5.80 4.64 -12.86
N LEU A 79 -4.93 5.61 -13.13
CA LEU A 79 -3.57 5.34 -13.54
C LEU A 79 -2.63 5.47 -12.33
N GLU A 80 -1.55 4.70 -12.32
CA GLU A 80 -0.47 4.91 -11.34
C GLU A 80 0.87 5.01 -12.07
N PHE A 81 1.73 5.90 -11.58
CA PHE A 81 3.12 6.04 -12.05
C PHE A 81 4.05 6.11 -10.85
N PHE A 82 5.30 5.66 -11.08
CA PHE A 82 6.36 5.55 -10.10
C PHE A 82 7.54 6.32 -10.68
N SER A 83 8.08 7.27 -9.93
CA SER A 83 9.09 8.17 -10.43
C SER A 83 10.32 8.28 -9.55
N ILE A 84 11.47 8.36 -10.22
CA ILE A 84 12.74 8.84 -9.65
C ILE A 84 12.63 10.33 -9.42
N LYS A 85 13.43 10.83 -8.48
CA LYS A 85 13.63 12.27 -8.30
C LYS A 85 15.07 12.49 -8.77
N VAL A 86 15.25 13.08 -9.94
CA VAL A 86 16.60 13.42 -10.40
C VAL A 86 16.94 14.85 -9.97
N GLN A 87 18.13 15.00 -9.38
CA GLN A 87 18.61 16.29 -8.81
C GLN A 87 18.30 17.53 -9.66
N ASN A 88 18.90 17.65 -10.84
CA ASN A 88 18.55 18.83 -11.65
C ASN A 88 17.65 18.44 -12.84
N GLY A 89 16.84 17.39 -12.63
CA GLY A 89 15.99 16.82 -13.68
C GLY A 89 14.85 17.76 -14.01
N PRO A 90 14.82 18.25 -15.26
CA PRO A 90 13.77 19.20 -15.61
C PRO A 90 12.38 18.75 -15.13
N LEU A 91 11.98 17.51 -15.44
CA LEU A 91 10.61 17.10 -15.09
C LEU A 91 10.47 16.69 -13.64
N THR A 92 11.33 15.77 -13.19
CA THR A 92 11.15 15.20 -11.86
C THR A 92 11.42 16.18 -10.71
N SER A 93 12.19 17.24 -10.95
CA SER A 93 12.40 18.27 -9.92
C SER A 93 11.08 19.02 -9.64
N ARG A 94 10.17 19.01 -10.62
CA ARG A 94 8.85 19.66 -10.50
C ARG A 94 7.77 18.63 -10.15
N LEU A 95 7.87 17.45 -10.76
CA LEU A 95 6.83 16.45 -10.61
C LEU A 95 6.74 15.94 -9.17
N GLN A 96 7.88 15.98 -8.48
CA GLN A 96 7.99 15.57 -7.08
C GLN A 96 7.11 16.39 -6.14
N HIS A 97 6.70 17.58 -6.58
CA HIS A 97 5.88 18.47 -5.75
C HIS A 97 4.40 18.35 -6.01
N LEU A 98 3.99 17.39 -6.84
CA LEU A 98 2.58 17.15 -7.12
C LEU A 98 1.78 17.04 -5.83
N LYS A 99 0.59 17.60 -5.83
CA LYS A 99 -0.33 17.48 -4.70
C LYS A 99 -1.64 16.90 -5.22
N VAL A 100 -2.41 16.30 -4.31
CA VAL A 100 -3.73 15.82 -4.68
C VAL A 100 -4.58 16.98 -5.24
N GLY A 101 -5.36 16.71 -6.28
CA GLY A 101 -6.12 17.75 -6.98
C GLY A 101 -5.31 18.45 -8.08
N ASP A 102 -3.98 18.35 -8.09
CA ASP A 102 -3.20 19.04 -9.15
C ASP A 102 -3.46 18.44 -10.54
N PRO A 103 -3.35 19.27 -11.60
CA PRO A 103 -3.39 18.74 -12.96
C PRO A 103 -2.08 18.12 -13.38
N VAL A 104 -2.14 17.12 -14.25
CA VAL A 104 -0.94 16.49 -14.79
C VAL A 104 -1.29 16.06 -16.21
N LEU A 105 -0.35 16.24 -17.15
CA LEU A 105 -0.56 15.81 -18.52
C LEU A 105 -0.24 14.33 -18.70
N ILE A 106 -1.13 13.63 -19.40
CA ILE A 106 -1.03 12.20 -19.65
C ILE A 106 -1.22 11.97 -21.15
N GLY A 107 -0.19 11.37 -21.76
CA GLY A 107 -0.18 11.11 -23.20
C GLY A 107 -1.30 10.16 -23.54
N LYS A 108 -2.03 10.48 -24.59
CA LYS A 108 -3.22 9.72 -24.99
C LYS A 108 -2.92 8.39 -25.67
N LYS A 109 -1.71 8.23 -26.20
CA LYS A 109 -1.37 7.00 -26.94
C LYS A 109 -0.25 6.21 -26.30
N PRO A 110 -0.58 5.26 -25.41
CA PRO A 110 0.50 4.43 -24.84
C PRO A 110 1.15 3.58 -25.91
N THR A 111 2.35 3.09 -25.66
CA THR A 111 3.04 2.22 -26.63
C THR A 111 4.11 1.43 -25.85
N GLY A 112 4.94 0.67 -26.55
CA GLY A 112 6.08 0.01 -25.94
C GLY A 112 6.31 -1.39 -26.45
N THR A 113 7.45 -1.96 -26.07
CA THR A 113 7.91 -3.25 -26.59
C THR A 113 7.77 -4.36 -25.54
N LEU A 114 7.44 -3.99 -24.30
CA LEU A 114 7.29 -5.03 -23.27
C LEU A 114 5.92 -5.70 -23.37
N VAL A 115 5.73 -6.46 -24.42
CA VAL A 115 4.41 -6.91 -24.83
C VAL A 115 4.47 -8.42 -24.99
N ALA A 116 3.74 -9.11 -24.12
CA ALA A 116 3.83 -10.57 -24.04
C ALA A 116 3.44 -11.24 -25.35
N ASP A 117 2.56 -10.62 -26.13
CA ASP A 117 2.16 -11.20 -27.39
C ASP A 117 3.33 -11.24 -28.39
N ASN A 118 4.47 -10.67 -28.01
CA ASN A 118 5.65 -10.69 -28.89
C ASN A 118 6.63 -11.76 -28.47
N LEU A 119 6.19 -12.56 -27.50
CA LEU A 119 6.95 -13.69 -27.02
C LEU A 119 6.22 -14.98 -27.40
N LEU A 120 6.94 -15.86 -28.07
CA LEU A 120 6.48 -17.22 -28.37
C LEU A 120 6.05 -17.91 -27.08
N PRO A 121 5.07 -18.83 -27.15
CA PRO A 121 4.67 -19.55 -25.93
C PRO A 121 5.89 -20.19 -25.30
N GLY A 122 5.92 -20.28 -23.97
CA GLY A 122 7.07 -20.84 -23.23
C GLY A 122 6.62 -21.18 -21.83
N LYS A 123 7.54 -21.62 -20.97
CA LYS A 123 7.16 -22.11 -19.63
C LYS A 123 7.59 -21.20 -18.49
N THR A 124 8.73 -20.56 -18.66
CA THR A 124 9.23 -19.64 -17.64
C THR A 124 9.30 -18.23 -18.19
N LEU A 125 8.76 -17.27 -17.44
CA LEU A 125 8.90 -15.86 -17.79
C LEU A 125 9.87 -15.21 -16.83
N TRP A 126 10.88 -14.54 -17.38
CA TRP A 126 11.87 -13.79 -16.60
C TRP A 126 11.66 -12.33 -16.86
N MET A 127 11.63 -11.55 -15.79
CA MET A 127 11.58 -10.13 -15.87
C MET A 127 12.84 -9.59 -15.18
N LEU A 128 13.76 -9.04 -15.96
CA LEU A 128 15.06 -8.58 -15.48
C LEU A 128 15.04 -7.07 -15.48
N SER A 129 15.04 -6.51 -14.28
CA SER A 129 14.86 -5.09 -14.11
C SER A 129 16.02 -4.52 -13.32
N THR A 130 16.39 -3.28 -13.62
CA THR A 130 17.31 -2.52 -12.80
C THR A 130 16.71 -1.12 -12.59
N GLY A 131 16.98 -0.55 -11.41
CA GLY A 131 16.43 0.75 -11.03
C GLY A 131 14.90 0.80 -11.11
N THR A 132 14.38 1.92 -11.60
CA THR A 132 12.94 2.12 -11.81
C THR A 132 12.39 1.24 -12.93
N GLY A 133 13.26 0.48 -13.60
CA GLY A 133 12.87 -0.50 -14.62
C GLY A 133 11.91 -1.58 -14.08
N LEU A 134 11.79 -1.67 -12.75
CA LEU A 134 10.75 -2.54 -12.16
C LEU A 134 9.34 -2.06 -12.55
N ALA A 135 9.21 -0.78 -12.88
CA ALA A 135 7.89 -0.14 -13.06
C ALA A 135 6.90 -0.89 -13.99
N PRO A 136 7.31 -1.23 -15.25
CA PRO A 136 6.35 -1.92 -16.13
C PRO A 136 5.95 -3.29 -15.60
N PHE A 137 6.88 -3.94 -14.89
CA PHE A 137 6.62 -5.25 -14.31
C PHE A 137 5.63 -5.18 -13.16
N MET A 138 5.49 -4.02 -12.51
CA MET A 138 4.45 -3.84 -11.50
C MET A 138 3.04 -3.96 -12.12
N SER A 139 2.92 -3.57 -13.39
CA SER A 139 1.68 -3.78 -14.13
C SER A 139 1.56 -5.23 -14.59
N ILE A 140 2.62 -5.76 -15.18
CA ILE A 140 2.54 -7.09 -15.80
C ILE A 140 2.29 -8.23 -14.80
N ILE A 141 2.87 -8.13 -13.60
CA ILE A 141 2.70 -9.19 -12.60
C ILE A 141 1.27 -9.20 -12.08
N ARG A 142 0.49 -8.18 -12.42
CA ARG A 142 -0.91 -8.16 -12.06
C ARG A 142 -1.82 -8.47 -13.26
N ASP A 143 -1.22 -8.87 -14.39
CA ASP A 143 -1.96 -9.35 -15.56
C ASP A 143 -2.32 -10.84 -15.36
N PRO A 144 -3.64 -11.13 -15.18
CA PRO A 144 -4.03 -12.54 -14.97
C PRO A 144 -3.61 -13.48 -16.12
N ASP A 145 -3.59 -12.97 -17.35
CA ASP A 145 -3.20 -13.75 -18.55
C ASP A 145 -1.79 -14.33 -18.43
N ILE A 146 -0.91 -13.64 -17.71
CA ILE A 146 0.48 -14.07 -17.58
CA ILE A 146 0.48 -14.07 -17.58
C ILE A 146 0.58 -15.43 -16.89
N TYR A 147 -0.24 -15.64 -15.87
CA TYR A 147 -0.19 -16.87 -15.10
C TYR A 147 -0.90 -18.03 -15.81
N GLU A 148 -1.78 -17.71 -16.75
CA GLU A 148 -2.42 -18.71 -17.57
C GLU A 148 -1.44 -19.26 -18.63
N ARG A 149 -0.39 -18.52 -19.01
CA ARG A 149 0.53 -19.01 -20.05
C ARG A 149 1.95 -19.37 -19.58
N PHE A 150 2.28 -19.14 -18.31
CA PHE A 150 3.59 -19.49 -17.79
C PHE A 150 3.49 -20.32 -16.51
N ASP A 151 4.43 -21.27 -16.33
CA ASP A 151 4.53 -22.03 -15.07
C ASP A 151 5.06 -21.18 -13.92
N LYS A 152 6.10 -20.41 -14.19
CA LYS A 152 6.74 -19.62 -13.13
C LYS A 152 7.12 -18.25 -13.68
N VAL A 153 7.08 -17.24 -12.81
CA VAL A 153 7.52 -15.91 -13.18
C VAL A 153 8.61 -15.49 -12.19
N VAL A 154 9.73 -15.02 -12.71
CA VAL A 154 10.81 -14.50 -11.88
C VAL A 154 11.01 -13.01 -12.15
N LEU A 155 10.92 -12.18 -11.10
CA LEU A 155 11.24 -10.76 -11.22
C LEU A 155 12.57 -10.47 -10.52
N THR A 156 13.59 -10.11 -11.29
CA THR A 156 14.86 -9.67 -10.69
C THR A 156 14.86 -8.15 -10.65
N HIS A 157 15.41 -7.60 -9.57
CA HIS A 157 15.37 -6.16 -9.33
C HIS A 157 16.56 -5.70 -8.52
N THR A 158 16.76 -4.38 -8.49
CA THR A 158 17.85 -3.79 -7.71
C THR A 158 17.38 -3.04 -6.45
N CYS A 159 16.18 -3.34 -5.96
CA CYS A 159 15.66 -2.68 -4.74
C CYS A 159 16.26 -3.24 -3.46
N ARG A 160 16.82 -2.35 -2.66
CA ARG A 160 17.50 -2.73 -1.41
C ARG A 160 16.96 -1.97 -0.19
N LEU A 161 16.50 -0.75 -0.41
CA LEU A 161 16.08 0.14 0.66
C LEU A 161 14.68 -0.22 1.15
N LYS A 162 14.48 -0.08 2.46
CA LYS A 162 13.17 -0.25 3.09
C LYS A 162 11.98 0.29 2.26
N GLY A 163 12.05 1.58 1.88
CA GLY A 163 10.99 2.23 1.15
C GLY A 163 10.76 1.69 -0.27
N GLU A 164 11.81 1.18 -0.91
CA GLU A 164 11.68 0.62 -2.26
C GLU A 164 10.93 -0.70 -2.17
N LEU A 165 11.27 -1.49 -1.15
CA LEU A 165 10.64 -2.80 -0.94
C LEU A 165 9.20 -2.65 -0.48
N ALA A 166 8.95 -1.63 0.35
CA ALA A 166 7.60 -1.33 0.80
C ALA A 166 6.71 -1.03 -0.42
N TYR A 167 7.26 -0.32 -1.40
CA TYR A 167 6.49 0.00 -2.61
C TYR A 167 6.11 -1.27 -3.35
N MET A 168 7.08 -2.13 -3.61
CA MET A 168 6.77 -3.38 -4.30
C MET A 168 5.79 -4.25 -3.50
N ASP A 169 5.91 -4.24 -2.17
CA ASP A 169 4.99 -5.00 -1.33
C ASP A 169 3.56 -4.44 -1.42
N TYR A 170 3.43 -3.12 -1.36
CA TYR A 170 2.12 -2.49 -1.53
C TYR A 170 1.50 -2.89 -2.90
N ILE A 171 2.24 -2.65 -3.99
CA ILE A 171 1.81 -2.95 -5.35
C ILE A 171 1.21 -4.37 -5.53
N LYS A 172 1.91 -5.36 -4.99
CA LYS A 172 1.56 -6.73 -5.30
C LYS A 172 0.21 -7.13 -4.74
N HIS A 173 -0.28 -6.38 -3.75
CA HIS A 173 -1.60 -6.61 -3.17
C HIS A 173 -2.68 -5.70 -3.67
N ASP A 174 -2.39 -4.78 -4.58
CA ASP A 174 -3.40 -3.86 -5.07
C ASP A 174 -4.04 -4.54 -6.30
N LEU A 175 -5.17 -5.21 -6.07
CA LEU A 175 -5.70 -6.11 -7.09
C LEU A 175 -7.20 -5.91 -7.25
N PRO A 176 -7.63 -4.68 -7.61
CA PRO A 176 -9.07 -4.41 -7.70
C PRO A 176 -9.76 -5.38 -8.68
N GLY A 177 -10.90 -5.94 -8.27
CA GLY A 177 -11.62 -6.95 -9.03
C GLY A 177 -10.88 -8.27 -9.26
N HIS A 178 -9.73 -8.46 -8.62
CA HIS A 178 -8.89 -9.62 -8.94
C HIS A 178 -8.22 -10.17 -7.72
N GLU A 179 -8.97 -10.25 -6.62
CA GLU A 179 -8.45 -10.75 -5.34
C GLU A 179 -7.91 -12.16 -5.46
N TYR A 180 -8.54 -12.99 -6.28
CA TYR A 180 -8.09 -14.37 -6.53
C TYR A 180 -6.62 -14.44 -6.98
N LEU A 181 -6.12 -13.42 -7.66
CA LEU A 181 -4.71 -13.37 -8.08
C LEU A 181 -3.70 -13.37 -6.94
N GLY A 182 -4.14 -13.01 -5.73
CA GLY A 182 -3.25 -13.04 -4.56
C GLY A 182 -2.62 -14.41 -4.36
N ASP A 183 -3.44 -15.46 -4.39
CA ASP A 183 -2.95 -16.84 -4.25
C ASP A 183 -2.07 -17.31 -5.43
N VAL A 184 -2.43 -16.88 -6.64
CA VAL A 184 -1.69 -17.18 -7.84
C VAL A 184 -0.28 -16.52 -7.81
N ILE A 185 -0.24 -15.24 -7.47
CA ILE A 185 1.03 -14.51 -7.35
C ILE A 185 1.92 -15.18 -6.28
N ARG A 186 1.33 -15.49 -5.13
CA ARG A 186 2.01 -16.25 -4.08
C ARG A 186 2.66 -17.53 -4.58
N GLU A 187 1.93 -18.34 -5.34
CA GLU A 187 2.43 -19.60 -5.86
C GLU A 187 3.44 -19.49 -7.00
N LYS A 188 3.28 -18.49 -7.87
CA LYS A 188 3.99 -18.49 -9.14
C LYS A 188 5.07 -17.44 -9.35
N LEU A 189 5.03 -16.37 -8.54
CA LEU A 189 5.94 -15.25 -8.73
C LEU A 189 7.07 -15.25 -7.72
N VAL A 190 8.30 -15.17 -8.20
CA VAL A 190 9.47 -15.12 -7.32
C VAL A 190 10.21 -13.81 -7.55
N TYR A 191 10.52 -13.14 -6.45
CA TYR A 191 11.27 -11.90 -6.46
C TYR A 191 12.72 -12.25 -6.08
N TYR A 192 13.67 -11.81 -6.89
CA TYR A 192 15.09 -12.11 -6.69
C TYR A 192 15.87 -10.80 -6.61
N PRO A 193 16.35 -10.42 -5.39
CA PRO A 193 17.14 -9.20 -5.31
C PRO A 193 18.50 -9.41 -5.92
N THR A 194 19.03 -8.41 -6.63
CA THR A 194 20.35 -8.57 -7.28
C THR A 194 21.39 -7.64 -6.64
N VAL A 195 20.92 -6.70 -5.82
CA VAL A 195 21.78 -5.75 -5.13
C VAL A 195 22.11 -6.26 -3.73
N GLU A 203 24.34 -2.20 -10.27
CA GLU A 203 22.99 -2.36 -10.80
C GLU A 203 22.99 -3.28 -12.02
N GLY A 204 24.14 -3.43 -12.67
CA GLY A 204 24.30 -4.42 -13.74
C GLY A 204 24.90 -5.73 -13.23
N ARG A 205 24.58 -6.09 -11.99
CA ARG A 205 24.99 -7.35 -11.39
C ARG A 205 24.27 -8.57 -11.99
N ILE A 206 23.07 -8.35 -12.51
CA ILE A 206 22.28 -9.42 -13.16
C ILE A 206 23.04 -10.11 -14.30
N THR A 207 23.74 -9.34 -15.13
CA THR A 207 24.54 -9.89 -16.25
C THR A 207 25.59 -10.85 -15.72
N ASP A 208 26.22 -10.48 -14.61
CA ASP A 208 27.26 -11.33 -13.98
C ASP A 208 26.65 -12.58 -13.36
N LEU A 209 25.47 -12.42 -12.76
CA LEU A 209 24.79 -13.55 -12.15
C LEU A 209 24.34 -14.53 -13.23
N ILE A 210 24.03 -14.00 -14.42
CA ILE A 210 23.74 -14.85 -15.56
C ILE A 210 25.01 -15.54 -16.05
N ALA A 211 26.05 -14.74 -16.34
CA ALA A 211 27.26 -15.29 -16.97
C ALA A 211 27.90 -16.37 -16.09
N SER A 212 27.92 -16.17 -14.77
CA SER A 212 28.48 -17.15 -13.84
C SER A 212 27.60 -18.37 -13.60
N GLY A 213 26.30 -18.25 -13.91
CA GLY A 213 25.36 -19.35 -13.67
C GLY A 213 24.77 -19.34 -12.27
N LYS A 214 25.17 -18.37 -11.46
CA LYS A 214 24.71 -18.27 -10.08
C LYS A 214 23.24 -17.85 -9.97
N LEU A 215 22.72 -17.13 -10.96
CA LEU A 215 21.30 -16.78 -10.99
C LEU A 215 20.49 -18.08 -10.92
N PHE A 216 20.92 -19.05 -11.72
CA PHE A 216 20.20 -20.30 -11.95
C PHE A 216 20.38 -21.32 -10.85
N THR A 217 21.55 -21.32 -10.21
CA THR A 217 21.82 -22.20 -9.07
C THR A 217 21.15 -21.62 -7.85
N ASP A 218 21.20 -20.29 -7.71
CA ASP A 218 20.50 -19.59 -6.63
C ASP A 218 19.01 -19.91 -6.60
N LEU A 219 18.40 -19.98 -7.79
CA LEU A 219 16.95 -20.14 -7.90
C LEU A 219 16.57 -21.56 -8.23
N ASP A 220 17.56 -22.42 -8.40
CA ASP A 220 17.36 -23.80 -8.83
C ASP A 220 16.54 -23.86 -10.12
N MET A 221 17.07 -23.22 -11.15
CA MET A 221 16.40 -23.16 -12.45
C MET A 221 17.43 -23.54 -13.50
N PRO A 222 16.99 -24.14 -14.62
CA PRO A 222 17.99 -24.36 -15.66
C PRO A 222 18.42 -23.07 -16.34
N PRO A 223 19.69 -22.98 -16.77
CA PRO A 223 20.16 -21.87 -17.62
C PRO A 223 19.23 -21.61 -18.81
N PHE A 224 19.20 -20.37 -19.28
CA PHE A 224 18.33 -19.96 -20.40
C PHE A 224 18.41 -20.86 -21.63
N SER A 225 17.28 -21.34 -22.13
CA SER A 225 17.21 -21.85 -23.50
C SER A 225 15.95 -21.33 -24.17
N PRO A 226 15.99 -21.18 -25.50
CA PRO A 226 14.82 -20.72 -26.26
C PRO A 226 13.68 -21.72 -26.19
N GLU A 227 13.99 -22.93 -25.77
CA GLU A 227 13.01 -24.01 -25.59
C GLU A 227 11.99 -23.67 -24.50
N GLN A 228 12.46 -22.93 -23.50
CA GLN A 228 11.81 -22.86 -22.22
C GLN A 228 11.54 -21.41 -21.76
N ASP A 229 12.55 -20.56 -21.94
CA ASP A 229 12.59 -19.27 -21.28
C ASP A 229 12.14 -18.12 -22.16
N ARG A 230 11.23 -17.32 -21.61
CA ARG A 230 10.87 -16.04 -22.22
C ARG A 230 11.37 -14.93 -21.32
N VAL A 231 12.04 -13.91 -21.88
CA VAL A 231 12.71 -12.91 -21.04
C VAL A 231 12.31 -11.46 -21.38
N MET A 232 11.94 -10.67 -20.37
CA MET A 232 11.69 -9.24 -20.60
C MET A 232 12.74 -8.45 -19.84
N LEU A 233 13.35 -7.47 -20.50
CA LEU A 233 14.42 -6.68 -19.90
C LEU A 233 14.01 -5.23 -19.85
N CYS A 234 14.13 -4.63 -18.67
CA CYS A 234 13.91 -3.20 -18.53
C CYS A 234 14.96 -2.67 -17.56
N GLY A 235 15.95 -1.96 -18.10
CA GLY A 235 17.03 -1.39 -17.29
C GLY A 235 17.83 -0.42 -18.12
N SER A 236 19.04 -0.12 -17.68
CA SER A 236 19.93 0.80 -18.40
C SER A 236 20.31 0.26 -19.75
N THR A 237 20.71 1.17 -20.63
CA THR A 237 21.20 0.83 -21.97
C THR A 237 22.35 -0.19 -21.89
N ALA A 238 23.21 0.01 -20.90
CA ALA A 238 24.38 -0.84 -20.67
C ALA A 238 23.95 -2.25 -20.25
N MET A 239 23.01 -2.32 -19.30
CA MET A 239 22.47 -3.61 -18.86
C MET A 239 21.79 -4.36 -20.00
N LEU A 240 20.97 -3.65 -20.76
CA LEU A 240 20.34 -4.23 -21.96
C LEU A 240 21.37 -4.80 -22.94
N LYS A 241 22.42 -4.02 -23.24
CA LYS A 241 23.48 -4.42 -24.16
C LYS A 241 24.17 -5.70 -23.70
N ASP A 242 24.68 -5.68 -22.45
CA ASP A 242 25.42 -6.83 -21.92
C ASP A 242 24.55 -8.06 -21.75
N THR A 243 23.30 -7.88 -21.31
CA THR A 243 22.44 -9.02 -21.01
C THR A 243 21.91 -9.66 -22.28
N THR A 244 21.52 -8.84 -23.26
CA THR A 244 21.00 -9.40 -24.52
C THR A 244 22.11 -10.21 -25.24
N GLU A 245 23.36 -9.78 -25.09
CA GLU A 245 24.50 -10.53 -25.66
C GLU A 245 24.48 -11.97 -25.12
N LEU A 246 24.26 -12.12 -23.82
CA LEU A 246 24.14 -13.44 -23.21
C LEU A 246 22.88 -14.20 -23.66
N LEU A 247 21.76 -13.50 -23.79
CA LEU A 247 20.55 -14.15 -24.31
C LEU A 247 20.75 -14.66 -25.76
N LYS A 248 21.37 -13.84 -26.58
CA LYS A 248 21.62 -14.19 -27.98
C LYS A 248 22.55 -15.40 -28.09
N LYS A 249 23.56 -15.45 -27.22
CA LYS A 249 24.46 -16.61 -27.15
C LYS A 249 23.76 -17.89 -26.69
N ALA A 250 22.75 -17.77 -25.84
CA ALA A 250 21.94 -18.93 -25.48
C ALA A 250 20.96 -19.31 -26.59
N GLY A 251 20.95 -18.55 -27.68
CA GLY A 251 20.11 -18.85 -28.83
C GLY A 251 18.74 -18.16 -28.83
N LEU A 252 18.52 -17.30 -27.84
CA LEU A 252 17.27 -16.53 -27.79
C LEU A 252 17.30 -15.37 -28.79
N VAL A 253 16.14 -15.14 -29.42
CA VAL A 253 15.97 -14.13 -30.46
C VAL A 253 14.97 -13.05 -29.98
N GLU A 254 15.30 -11.79 -30.28
CA GLU A 254 14.47 -10.67 -29.88
C GLU A 254 13.16 -10.77 -30.63
N GLY A 255 12.04 -10.71 -29.90
CA GLY A 255 10.71 -10.68 -30.53
C GLY A 255 10.34 -9.29 -31.02
N LYS A 256 9.35 -9.23 -31.92
CA LYS A 256 8.81 -7.98 -32.45
C LYS A 256 7.40 -8.31 -32.98
N ASN A 257 6.56 -7.30 -33.18
CA ASN A 257 5.18 -7.48 -33.66
C ASN A 257 5.05 -8.53 -34.76
N SER A 258 5.91 -8.42 -35.77
CA SER A 258 5.82 -9.22 -36.98
C SER A 258 6.55 -10.56 -36.88
N ALA A 259 7.00 -10.92 -35.67
CA ALA A 259 7.77 -12.14 -35.44
C ALA A 259 8.04 -12.33 -33.94
N PRO A 260 7.10 -12.97 -33.21
CA PRO A 260 7.29 -13.26 -31.78
C PRO A 260 8.62 -14.00 -31.57
N GLY A 261 9.28 -13.76 -30.43
CA GLY A 261 10.59 -14.33 -30.19
C GLY A 261 10.71 -14.85 -28.79
N HIS A 262 11.93 -14.81 -28.26
CA HIS A 262 12.17 -15.30 -26.90
C HIS A 262 12.39 -14.19 -25.90
N TYR A 263 12.72 -13.00 -26.38
CA TYR A 263 12.87 -11.87 -25.46
C TYR A 263 12.47 -10.51 -26.04
N VAL A 264 12.13 -9.57 -25.15
CA VAL A 264 11.86 -8.20 -25.52
C VAL A 264 12.57 -7.26 -24.53
N ILE A 265 12.84 -6.04 -24.98
CA ILE A 265 13.64 -5.09 -24.22
C ILE A 265 13.07 -3.67 -24.30
N GLU A 266 13.38 -2.89 -23.28
CA GLU A 266 13.00 -1.49 -23.24
C GLU A 266 13.94 -0.81 -22.25
N ARG A 267 14.48 0.35 -22.63
CA ARG A 267 15.30 1.15 -21.72
C ARG A 267 14.45 1.72 -20.54
N ALA A 268 14.98 1.62 -19.33
CA ALA A 268 14.36 2.23 -18.14
C ALA A 268 14.48 3.74 -18.18
N PHE A 269 15.49 4.22 -18.91
CA PHE A 269 15.78 5.66 -19.05
C PHE A 269 16.84 5.81 -20.16
N VAL A 270 17.02 7.04 -20.62
CA VAL A 270 17.88 7.32 -21.78
C VAL A 270 19.15 8.02 -21.30
N ASP A 271 20.32 7.54 -21.74
CA ASP A 271 21.59 8.12 -21.26
C ASP A 271 21.79 9.52 -21.83
N SER B 17 11.52 16.25 26.66
CA SER B 17 11.95 15.14 27.55
C SER B 17 10.92 14.00 27.59
N LYS B 18 9.64 14.34 27.39
CA LYS B 18 8.59 13.30 27.32
C LYS B 18 8.49 12.65 25.93
N PHE B 19 9.28 13.16 24.99
CA PHE B 19 9.17 12.79 23.57
C PHE B 19 10.49 12.34 22.94
N ASP B 20 10.39 11.40 22.04
CA ASP B 20 11.49 10.96 21.16
CA ASP B 20 11.55 11.10 21.23
C ASP B 20 11.42 11.84 19.91
N THR B 21 12.57 12.11 19.30
CA THR B 21 12.56 12.76 18.01
C THR B 21 12.79 11.70 16.92
N ALA B 22 11.70 11.37 16.23
CA ALA B 22 11.71 10.31 15.24
C ALA B 22 11.98 10.98 13.92
N THR B 23 12.38 10.19 12.92
CA THR B 23 12.60 10.68 11.57
C THR B 23 11.49 10.13 10.67
N VAL B 24 10.86 10.99 9.89
CA VAL B 24 9.84 10.58 8.91
C VAL B 24 10.45 9.75 7.77
N LEU B 25 9.85 8.57 7.54
CA LEU B 25 10.37 7.61 6.56
C LEU B 25 9.60 7.62 5.24
N SER B 26 8.30 7.86 5.32
CA SER B 26 7.47 7.93 4.11
C SER B 26 6.24 8.80 4.43
N VAL B 27 5.66 9.41 3.39
CA VAL B 27 4.45 10.25 3.57
C VAL B 27 3.52 9.96 2.43
N HIS B 28 2.22 9.86 2.73
CA HIS B 28 1.21 9.46 1.76
C HIS B 28 -0.01 10.34 1.87
N HIS B 29 -0.43 10.92 0.76
CA HIS B 29 -1.67 11.67 0.74
C HIS B 29 -2.69 10.91 -0.05
N TRP B 30 -3.68 10.39 0.65
CA TRP B 30 -4.70 9.48 0.12
C TRP B 30 -5.86 10.21 -0.52
N THR B 31 -6.23 11.35 0.07
CA THR B 31 -7.31 12.25 -0.41
C THR B 31 -6.89 13.68 -0.05
N ASP B 32 -7.71 14.66 -0.40
CA ASP B 32 -7.38 16.04 0.00
C ASP B 32 -7.44 16.31 1.52
N THR B 33 -7.96 15.38 2.31
CA THR B 33 -8.16 15.63 3.75
C THR B 33 -7.48 14.55 4.63
N LEU B 34 -6.85 13.56 4.00
CA LEU B 34 -6.32 12.43 4.72
C LEU B 34 -4.92 12.08 4.27
N PHE B 35 -4.05 11.97 5.27
CA PHE B 35 -2.67 11.61 5.02
C PHE B 35 -2.17 10.64 6.08
N SER B 36 -1.26 9.77 5.65
CA SER B 36 -0.57 8.89 6.57
C SER B 36 0.93 9.13 6.47
N PHE B 37 1.66 8.71 7.49
CA PHE B 37 3.11 8.70 7.37
C PHE B 37 3.69 7.61 8.26
N THR B 38 4.90 7.19 7.93
CA THR B 38 5.64 6.27 8.79
C THR B 38 6.90 6.99 9.30
N CYS B 39 7.37 6.60 10.48
CA CYS B 39 8.54 7.21 11.09
C CYS B 39 9.30 6.19 11.93
N THR B 40 10.56 6.51 12.25
CA THR B 40 11.35 5.64 13.09
C THR B 40 10.67 5.46 14.47
N ARG B 41 10.98 4.35 15.12
CA ARG B 41 10.31 3.98 16.35
C ARG B 41 11.35 3.82 17.43
N ASP B 42 11.16 4.51 18.55
CA ASP B 42 12.13 4.42 19.64
C ASP B 42 12.34 2.98 20.11
N GLN B 43 13.57 2.63 20.41
CA GLN B 43 13.90 1.31 20.97
C GLN B 43 13.22 0.94 22.30
N ALA B 44 12.69 1.91 23.02
CA ALA B 44 11.92 1.65 24.24
C ALA B 44 10.41 1.74 24.01
N LEU B 45 10.00 2.05 22.78
CA LEU B 45 8.57 2.24 22.50
C LEU B 45 7.79 0.92 22.33
N ARG B 46 7.52 0.32 23.48
CA ARG B 46 6.72 -0.88 23.63
C ARG B 46 5.24 -0.46 23.65
N PHE B 47 4.36 -1.18 22.95
CA PHE B 47 2.92 -0.89 23.04
C PHE B 47 2.07 -2.10 22.69
N ASN B 48 0.78 -1.99 23.03
CA ASN B 48 -0.22 -2.97 22.62
C ASN B 48 -1.05 -2.41 21.49
N ASN B 49 -1.25 -3.21 20.44
CA ASN B 49 -2.05 -2.76 19.29
C ASN B 49 -3.37 -2.12 19.74
N GLY B 50 -3.64 -0.90 19.32
CA GLY B 50 -4.88 -0.21 19.70
C GLY B 50 -4.63 1.00 20.58
N GLU B 51 -3.47 1.03 21.21
CA GLU B 51 -3.06 2.18 22.03
C GLU B 51 -2.70 3.41 21.20
N PHE B 52 -2.74 4.57 21.85
CA PHE B 52 -2.36 5.81 21.19
C PHE B 52 -1.11 6.37 21.87
N THR B 53 -0.44 7.30 21.20
CA THR B 53 0.57 8.10 21.86
C THR B 53 0.46 9.54 21.38
N MET B 54 1.33 10.41 21.91
CA MET B 54 1.32 11.82 21.53
C MET B 54 2.24 12.00 20.34
N VAL B 55 1.81 12.81 19.37
CA VAL B 55 2.57 13.02 18.16
C VAL B 55 2.55 14.51 17.87
N GLY B 56 3.69 15.08 17.50
CA GLY B 56 3.67 16.49 17.20
C GLY B 56 4.93 17.06 16.61
N LEU B 57 5.06 18.37 16.76
CA LEU B 57 6.14 19.14 16.17
C LEU B 57 6.63 20.19 17.16
N GLU B 58 7.93 20.45 17.15
CA GLU B 58 8.47 21.61 17.86
C GLU B 58 8.06 22.86 17.11
N VAL B 59 7.15 23.64 17.70
CA VAL B 59 6.68 24.91 17.15
C VAL B 59 7.06 26.01 18.15
N ASP B 60 7.88 26.97 17.73
CA ASP B 60 8.33 28.08 18.59
C ASP B 60 9.05 27.62 19.85
N GLY B 61 9.97 26.66 19.69
CA GLY B 61 10.73 26.13 20.82
C GLY B 61 9.98 25.22 21.77
N LYS B 62 8.66 25.11 21.61
CA LYS B 62 7.83 24.22 22.45
C LYS B 62 7.09 23.13 21.64
N PRO B 63 6.93 21.92 22.23
CA PRO B 63 6.19 20.83 21.57
C PRO B 63 4.71 21.14 21.35
N LEU B 64 4.27 21.07 20.10
CA LEU B 64 2.85 21.12 19.80
C LEU B 64 2.38 19.69 19.42
N THR B 65 1.66 19.03 20.31
CA THR B 65 1.34 17.60 20.10
C THR B 65 -0.12 17.27 20.32
N ARG B 66 -0.56 16.17 19.70
CA ARG B 66 -1.94 15.72 19.80
C ARG B 66 -1.89 14.20 19.95
N ALA B 67 -2.97 13.63 20.48
CA ALA B 67 -3.08 12.18 20.59
C ALA B 67 -3.36 11.57 19.22
N TYR B 68 -2.67 10.47 18.94
CA TYR B 68 -2.81 9.70 17.69
C TYR B 68 -2.75 8.21 17.94
N SER B 69 -3.75 7.48 17.46
CA SER B 69 -3.74 6.03 17.51
C SER B 69 -2.52 5.54 16.72
N ILE B 70 -1.80 4.57 17.25
CA ILE B 70 -0.68 4.01 16.51
C ILE B 70 -1.26 2.98 15.52
N VAL B 71 -1.11 3.24 14.22
CA VAL B 71 -1.77 2.42 13.17
C VAL B 71 -1.04 1.09 12.97
N SER B 72 0.28 1.14 13.12
CA SER B 72 1.16 0.00 12.94
C SER B 72 0.99 -1.00 14.06
N PRO B 73 1.22 -2.30 13.75
CA PRO B 73 1.20 -3.29 14.83
C PRO B 73 2.51 -3.14 15.57
N ASN B 74 2.54 -3.64 16.79
CA ASN B 74 3.69 -3.51 17.67
C ASN B 74 4.89 -4.38 17.26
N TYR B 75 4.70 -5.27 16.29
CA TYR B 75 5.80 -6.02 15.70
C TYR B 75 6.38 -5.37 14.44
N GLU B 76 5.89 -4.20 14.02
CA GLU B 76 6.45 -3.55 12.84
C GLU B 76 7.61 -2.65 13.29
N GLU B 77 8.68 -2.66 12.50
CA GLU B 77 9.90 -1.89 12.77
C GLU B 77 9.64 -0.40 12.99
N HIS B 78 8.80 0.17 12.15
CA HIS B 78 8.50 1.58 12.17
C HIS B 78 7.14 1.83 12.77
N LEU B 79 6.85 3.08 13.07
CA LEU B 79 5.50 3.50 13.44
C LEU B 79 4.79 3.99 12.19
N GLU B 80 3.48 3.93 12.25
CA GLU B 80 2.64 4.55 11.23
C GLU B 80 1.50 5.28 11.93
N PHE B 81 1.13 6.43 11.37
CA PHE B 81 -0.01 7.23 11.83
C PHE B 81 -0.84 7.69 10.62
N PHE B 82 -2.13 7.91 10.88
CA PHE B 82 -3.15 8.26 9.88
C PHE B 82 -3.82 9.52 10.40
N SER B 83 -3.76 10.58 9.61
CA SER B 83 -4.20 11.87 10.06
C SER B 83 -5.20 12.58 9.15
N ILE B 84 -6.16 13.20 9.81
CA ILE B 84 -7.05 14.19 9.22
C ILE B 84 -6.22 15.41 8.87
N LYS B 85 -6.76 16.24 7.98
CA LYS B 85 -6.21 17.57 7.71
C LYS B 85 -7.27 18.63 8.06
N VAL B 86 -7.18 19.23 9.25
CA VAL B 86 -7.99 20.40 9.63
C VAL B 86 -7.26 21.71 9.25
N GLN B 87 -7.76 22.43 8.24
CA GLN B 87 -7.11 23.67 7.71
C GLN B 87 -6.78 24.72 8.80
N ASN B 88 -7.70 24.91 9.75
CA ASN B 88 -7.49 25.80 10.88
C ASN B 88 -6.91 25.05 12.08
N GLY B 89 -6.57 23.77 11.90
CA GLY B 89 -6.09 22.95 13.00
C GLY B 89 -4.64 23.27 13.32
N PRO B 90 -4.35 23.69 14.56
CA PRO B 90 -2.97 24.06 14.89
C PRO B 90 -1.92 22.99 14.52
N LEU B 91 -2.11 21.72 14.90
CA LEU B 91 -1.11 20.71 14.52
C LEU B 91 -1.21 20.26 13.06
N THR B 92 -2.41 19.88 12.63
CA THR B 92 -2.54 19.27 11.29
C THR B 92 -2.36 20.24 10.14
N SER B 93 -2.51 21.54 10.38
CA SER B 93 -2.18 22.54 9.34
C SER B 93 -0.67 22.49 9.03
N ARG B 94 0.12 22.06 10.00
CA ARG B 94 1.58 21.88 9.81
C ARG B 94 1.95 20.45 9.46
N LEU B 95 1.35 19.49 10.18
CA LEU B 95 1.68 18.09 10.02
C LEU B 95 1.44 17.60 8.61
N GLN B 96 0.48 18.25 7.93
CA GLN B 96 0.12 17.88 6.56
C GLN B 96 1.26 18.12 5.56
N HIS B 97 2.25 18.93 5.95
CA HIS B 97 3.39 19.25 5.07
C HIS B 97 4.66 18.45 5.37
N LEU B 98 4.54 17.40 6.19
CA LEU B 98 5.69 16.55 6.52
C LEU B 98 6.35 16.01 5.26
N LYS B 99 7.66 15.94 5.30
CA LYS B 99 8.43 15.39 4.18
C LYS B 99 9.34 14.29 4.73
N VAL B 100 9.72 13.34 3.87
CA VAL B 100 10.68 12.29 4.23
C VAL B 100 11.94 12.96 4.81
N GLY B 101 12.50 12.42 5.89
CA GLY B 101 13.61 13.08 6.57
C GLY B 101 13.23 14.06 7.70
N ASP B 102 12.00 14.59 7.70
CA ASP B 102 11.63 15.56 8.74
C ASP B 102 11.63 14.93 10.13
N PRO B 103 11.95 15.74 11.16
CA PRO B 103 11.83 15.34 12.56
C PRO B 103 10.38 15.46 13.03
N VAL B 104 9.93 14.50 13.83
CA VAL B 104 8.58 14.48 14.38
C VAL B 104 8.66 13.98 15.83
N LEU B 105 7.89 14.61 16.72
CA LEU B 105 7.91 14.24 18.13
C LEU B 105 6.97 13.09 18.39
N ILE B 106 7.47 12.05 19.09
CA ILE B 106 6.61 10.90 19.45
C ILE B 106 6.63 10.73 20.98
N GLY B 107 5.47 10.73 21.61
CA GLY B 107 5.34 10.47 23.04
C GLY B 107 5.86 9.10 23.46
N LYS B 108 6.56 9.07 24.58
CA LYS B 108 7.16 7.84 25.10
C LYS B 108 6.21 7.00 25.95
N LYS B 109 5.00 7.48 26.22
CA LYS B 109 4.11 6.72 27.11
C LYS B 109 2.77 6.40 26.45
N PRO B 110 2.73 5.37 25.59
CA PRO B 110 1.51 5.02 24.87
C PRO B 110 0.44 4.48 25.86
N THR B 111 -0.83 4.75 25.58
CA THR B 111 -1.88 4.34 26.49
C THR B 111 -3.19 4.17 25.73
N GLY B 112 -4.29 3.92 26.43
CA GLY B 112 -5.59 3.84 25.77
C GLY B 112 -6.47 2.77 26.36
N THR B 113 -7.73 2.77 25.95
CA THR B 113 -8.74 1.93 26.56
C THR B 113 -9.20 0.82 25.63
N LEU B 114 -8.78 0.86 24.37
CA LEU B 114 -9.16 -0.18 23.43
C LEU B 114 -8.29 -1.41 23.69
N VAL B 115 -8.60 -2.05 24.81
CA VAL B 115 -7.77 -3.07 25.41
C VAL B 115 -8.57 -4.36 25.40
N ALA B 116 -8.16 -5.32 24.57
CA ALA B 116 -8.87 -6.59 24.46
C ALA B 116 -8.95 -7.37 25.77
N ASP B 117 -7.96 -7.19 26.65
CA ASP B 117 -7.94 -7.83 27.97
C ASP B 117 -9.00 -7.27 28.92
N ASN B 118 -9.62 -6.15 28.56
CA ASN B 118 -10.75 -5.65 29.34
C ASN B 118 -12.06 -6.15 28.77
N LEU B 119 -11.95 -7.12 27.87
CA LEU B 119 -13.10 -7.80 27.32
C LEU B 119 -13.11 -9.27 27.74
N LEU B 120 -14.21 -9.69 28.36
CA LEU B 120 -14.39 -11.08 28.81
C LEU B 120 -14.39 -12.00 27.60
N PRO B 121 -14.07 -13.29 27.81
CA PRO B 121 -14.05 -14.24 26.70
C PRO B 121 -15.36 -14.18 25.95
N GLY B 122 -15.31 -14.25 24.62
CA GLY B 122 -16.50 -14.21 23.78
C GLY B 122 -16.26 -14.84 22.41
N LYS B 123 -17.28 -14.84 21.57
CA LYS B 123 -17.19 -15.48 20.26
C LYS B 123 -16.91 -14.47 19.15
N THR B 124 -17.46 -13.26 19.29
CA THR B 124 -17.42 -12.28 18.21
C THR B 124 -16.87 -10.95 18.70
N LEU B 125 -15.92 -10.40 17.93
CA LEU B 125 -15.45 -9.04 18.17
C LEU B 125 -16.01 -8.08 17.14
N TRP B 126 -16.65 -7.01 17.62
CA TRP B 126 -17.18 -5.93 16.79
C TRP B 126 -16.38 -4.70 17.06
N MET B 127 -15.89 -4.07 16.00
CA MET B 127 -15.11 -2.83 16.07
C MET B 127 -15.96 -1.81 15.33
N LEU B 128 -16.55 -0.88 16.08
CA LEU B 128 -17.46 0.10 15.50
C LEU B 128 -16.71 1.41 15.49
N SER B 129 -16.45 1.93 14.29
CA SER B 129 -15.64 3.13 14.12
C SER B 129 -16.35 4.14 13.25
N THR B 130 -16.10 5.43 13.50
CA THR B 130 -16.53 6.49 12.57
C THR B 130 -15.35 7.36 12.25
N GLY B 131 -15.25 7.86 11.02
CA GLY B 131 -14.17 8.80 10.65
C GLY B 131 -12.82 8.15 10.89
N THR B 132 -11.85 8.94 11.39
CA THR B 132 -10.49 8.46 11.63
C THR B 132 -10.38 7.46 12.82
N GLY B 133 -11.48 7.25 13.54
CA GLY B 133 -11.58 6.21 14.54
C GLY B 133 -11.29 4.79 14.04
N LEU B 134 -11.20 4.62 12.72
CA LEU B 134 -10.72 3.39 12.14
C LEU B 134 -9.25 3.17 12.52
N ALA B 135 -8.55 4.25 12.84
CA ALA B 135 -7.09 4.16 13.00
C ALA B 135 -6.62 3.08 14.00
N PRO B 136 -7.16 3.08 15.24
CA PRO B 136 -6.64 2.04 16.15
C PRO B 136 -6.96 0.61 15.68
N PHE B 137 -8.06 0.45 14.95
CA PHE B 137 -8.45 -0.88 14.51
C PHE B 137 -7.54 -1.36 13.38
N MET B 138 -6.85 -0.42 12.73
CA MET B 138 -5.90 -0.81 11.71
C MET B 138 -4.76 -1.57 12.35
N SER B 139 -4.48 -1.28 13.63
CA SER B 139 -3.51 -2.03 14.42
C SER B 139 -4.09 -3.34 14.97
N ILE B 140 -5.26 -3.24 15.59
CA ILE B 140 -5.85 -4.39 16.26
C ILE B 140 -6.16 -5.53 15.27
N ILE B 141 -6.64 -5.21 14.08
CA ILE B 141 -6.96 -6.27 13.08
C ILE B 141 -5.71 -7.02 12.65
N ARG B 142 -4.53 -6.51 12.98
CA ARG B 142 -3.29 -7.17 12.63
C ARG B 142 -2.58 -7.74 13.87
N ASP B 143 -3.30 -7.79 15.00
CA ASP B 143 -2.79 -8.46 16.21
C ASP B 143 -3.26 -9.92 16.14
N PRO B 144 -2.32 -10.86 15.99
CA PRO B 144 -2.67 -12.29 15.92
C PRO B 144 -3.46 -12.82 17.13
N ASP B 145 -3.28 -12.23 18.31
CA ASP B 145 -4.00 -12.72 19.53
C ASP B 145 -5.52 -12.62 19.39
N ILE B 146 -5.97 -11.63 18.60
CA ILE B 146 -7.39 -11.41 18.38
C ILE B 146 -8.07 -12.62 17.71
N TYR B 147 -7.41 -13.16 16.70
CA TYR B 147 -7.92 -14.28 15.95
C TYR B 147 -7.80 -15.60 16.70
N GLU B 148 -6.94 -15.62 17.72
CA GLU B 148 -6.81 -16.77 18.62
C GLU B 148 -8.01 -16.86 19.56
N ARG B 149 -8.62 -15.73 19.88
CA ARG B 149 -9.67 -15.71 20.90
C ARG B 149 -11.06 -15.36 20.39
N PHE B 150 -11.18 -15.09 19.09
CA PHE B 150 -12.50 -14.82 18.50
C PHE B 150 -12.73 -15.63 17.22
N ASP B 151 -13.98 -16.03 16.98
CA ASP B 151 -14.37 -16.75 15.76
C ASP B 151 -14.55 -15.80 14.60
N LYS B 152 -14.95 -14.57 14.94
CA LYS B 152 -15.24 -13.57 13.93
C LYS B 152 -14.98 -12.15 14.43
N VAL B 153 -14.57 -11.30 13.49
CA VAL B 153 -14.31 -9.89 13.74
C VAL B 153 -15.08 -9.07 12.68
N VAL B 154 -15.81 -8.06 13.13
CA VAL B 154 -16.49 -7.18 12.20
C VAL B 154 -15.99 -5.76 12.49
N LEU B 155 -15.47 -5.12 11.45
CA LEU B 155 -15.09 -3.72 11.51
C LEU B 155 -16.10 -2.90 10.72
N THR B 156 -16.84 -2.04 11.43
CA THR B 156 -17.72 -1.10 10.76
C THR B 156 -16.98 0.23 10.69
N HIS B 157 -17.23 1.00 9.65
CA HIS B 157 -16.46 2.22 9.41
C HIS B 157 -17.24 3.13 8.53
N THR B 158 -16.79 4.36 8.37
CA THR B 158 -17.55 5.33 7.56
C THR B 158 -16.81 5.76 6.28
N CYS B 159 -15.85 4.94 5.84
CA CYS B 159 -15.09 5.21 4.62
C CYS B 159 -15.89 4.96 3.37
N ARG B 160 -15.98 5.98 2.52
CA ARG B 160 -16.75 5.86 1.30
C ARG B 160 -15.93 6.27 0.08
N LEU B 161 -14.95 7.15 0.29
CA LEU B 161 -14.15 7.68 -0.82
C LEU B 161 -13.05 6.71 -1.27
N LYS B 162 -12.80 6.70 -2.58
CA LYS B 162 -11.80 5.85 -3.23
C LYS B 162 -10.49 5.77 -2.43
N GLY B 163 -9.90 6.92 -2.11
CA GLY B 163 -8.62 6.97 -1.40
C GLY B 163 -8.67 6.43 0.02
N GLU B 164 -9.84 6.56 0.67
CA GLU B 164 -10.06 6.06 2.04
C GLU B 164 -10.08 4.55 2.07
N LEU B 165 -10.81 3.97 1.11
CA LEU B 165 -10.82 2.50 0.94
C LEU B 165 -9.45 1.96 0.53
N ALA B 166 -8.74 2.68 -0.34
CA ALA B 166 -7.39 2.28 -0.76
C ALA B 166 -6.43 2.18 0.44
N TYR B 167 -6.56 3.11 1.39
CA TYR B 167 -5.74 3.09 2.60
C TYR B 167 -6.01 1.82 3.43
N MET B 168 -7.28 1.55 3.70
CA MET B 168 -7.62 0.33 4.40
C MET B 168 -7.18 -0.93 3.68
N ASP B 169 -7.24 -0.93 2.34
CA ASP B 169 -6.80 -2.11 1.59
C ASP B 169 -5.29 -2.28 1.69
N TYR B 170 -4.55 -1.18 1.60
CA TYR B 170 -3.12 -1.23 1.84
C TYR B 170 -2.79 -1.79 3.24
N ILE B 171 -3.40 -1.24 4.29
CA ILE B 171 -3.13 -1.66 5.67
C ILE B 171 -3.26 -3.17 5.87
N LYS B 172 -4.33 -3.73 5.34
CA LYS B 172 -4.66 -5.09 5.72
C LYS B 172 -3.67 -6.11 5.20
N HIS B 173 -2.88 -5.72 4.19
CA HIS B 173 -1.86 -6.63 3.66
C HIS B 173 -0.47 -6.29 4.14
N ASP B 174 -0.35 -5.25 4.94
CA ASP B 174 0.98 -4.90 5.47
C ASP B 174 1.19 -5.78 6.71
N LEU B 175 1.87 -6.91 6.53
CA LEU B 175 1.97 -7.94 7.60
C LEU B 175 3.38 -8.48 7.87
N PRO B 176 4.34 -7.59 8.22
CA PRO B 176 5.73 -7.99 8.33
C PRO B 176 5.90 -9.09 9.37
N GLY B 177 6.58 -10.18 8.95
CA GLY B 177 6.82 -11.33 9.83
C GLY B 177 5.56 -12.13 10.12
N HIS B 178 4.42 -11.75 9.54
CA HIS B 178 3.14 -12.39 9.81
C HIS B 178 2.30 -12.63 8.56
N GLU B 179 2.92 -13.02 7.47
CA GLU B 179 2.19 -13.29 6.22
C GLU B 179 1.06 -14.30 6.39
N TYR B 180 1.21 -15.21 7.36
CA TYR B 180 0.18 -16.20 7.64
C TYR B 180 -1.14 -15.59 8.09
N LEU B 181 -1.11 -14.36 8.62
CA LEU B 181 -2.36 -13.69 9.01
C LEU B 181 -3.20 -13.35 7.80
N GLY B 182 -2.56 -13.30 6.63
CA GLY B 182 -3.28 -13.08 5.36
C GLY B 182 -4.54 -13.93 5.22
N ASP B 183 -4.35 -15.25 5.24
CA ASP B 183 -5.48 -16.19 5.16
C ASP B 183 -6.44 -16.02 6.32
N VAL B 184 -5.91 -15.85 7.53
CA VAL B 184 -6.77 -15.71 8.72
C VAL B 184 -7.69 -14.46 8.67
N ILE B 185 -7.16 -13.32 8.18
CA ILE B 185 -7.94 -12.10 8.01
C ILE B 185 -9.03 -12.27 6.94
N ARG B 186 -8.67 -12.89 5.83
CA ARG B 186 -9.63 -13.20 4.79
C ARG B 186 -10.71 -14.11 5.34
N GLU B 187 -10.35 -15.07 6.19
CA GLU B 187 -11.33 -16.01 6.74
C GLU B 187 -12.23 -15.38 7.83
N LYS B 188 -11.65 -14.52 8.69
CA LYS B 188 -12.36 -14.09 9.91
C LYS B 188 -12.81 -12.64 9.98
N LEU B 189 -12.21 -11.76 9.19
CA LEU B 189 -12.52 -10.32 9.30
C LEU B 189 -13.51 -9.86 8.23
N VAL B 190 -14.54 -9.14 8.64
CA VAL B 190 -15.51 -8.55 7.70
C VAL B 190 -15.51 -7.03 7.81
N TYR B 191 -15.49 -6.32 6.68
CA TYR B 191 -15.60 -4.86 6.70
C TYR B 191 -17.04 -4.52 6.36
N TYR B 192 -17.59 -3.53 7.07
CA TYR B 192 -18.98 -3.12 6.87
C TYR B 192 -19.07 -1.59 6.87
N PRO B 193 -19.28 -0.98 5.69
CA PRO B 193 -19.36 0.47 5.60
C PRO B 193 -20.68 1.01 6.15
N THR B 194 -20.66 2.18 6.77
CA THR B 194 -21.84 2.88 7.30
C THR B 194 -21.78 4.36 6.88
N VAL B 195 -22.87 5.11 7.09
CA VAL B 195 -22.85 6.59 6.88
C VAL B 195 -22.53 7.35 8.18
N ARG B 205 -25.18 6.49 11.02
CA ARG B 205 -26.04 5.38 10.65
C ARG B 205 -25.74 4.14 11.50
N ILE B 206 -24.49 3.94 11.92
CA ILE B 206 -24.18 2.75 12.74
C ILE B 206 -25.18 2.59 13.91
N THR B 207 -25.44 3.71 14.60
CA THR B 207 -26.47 3.75 15.65
C THR B 207 -27.82 3.23 15.17
N ASP B 208 -28.32 3.74 14.05
CA ASP B 208 -29.62 3.31 13.49
C ASP B 208 -29.63 1.84 13.09
N LEU B 209 -28.53 1.37 12.47
CA LEU B 209 -28.42 0.00 11.97
C LEU B 209 -28.48 -1.03 13.10
N ILE B 210 -27.95 -0.67 14.27
CA ILE B 210 -28.10 -1.46 15.48
C ILE B 210 -29.57 -1.42 15.95
N ALA B 211 -30.10 -0.21 16.10
CA ALA B 211 -31.45 0.06 16.62
C ALA B 211 -32.57 -0.57 15.79
N SER B 212 -32.39 -0.56 14.46
CA SER B 212 -33.31 -1.23 13.55
C SER B 212 -33.11 -2.74 13.52
N GLY B 213 -31.89 -3.20 13.80
CA GLY B 213 -31.53 -4.61 13.64
C GLY B 213 -31.01 -4.97 12.25
N LYS B 214 -31.02 -4.00 11.33
CA LYS B 214 -30.48 -4.17 9.98
C LYS B 214 -28.97 -4.48 9.97
N LEU B 215 -28.22 -3.95 10.93
CA LEU B 215 -26.80 -4.29 11.05
C LEU B 215 -26.65 -5.81 11.06
N PHE B 216 -27.54 -6.47 11.79
CA PHE B 216 -27.42 -7.90 12.02
C PHE B 216 -27.95 -8.72 10.86
N THR B 217 -29.01 -8.24 10.23
CA THR B 217 -29.58 -8.96 9.10
C THR B 217 -28.66 -8.87 7.90
N ASP B 218 -28.14 -7.67 7.62
CA ASP B 218 -27.14 -7.51 6.58
C ASP B 218 -26.01 -8.51 6.67
N LEU B 219 -25.48 -8.67 7.87
CA LEU B 219 -24.31 -9.51 8.10
C LEU B 219 -24.67 -10.97 8.41
N ASP B 220 -25.95 -11.22 8.65
CA ASP B 220 -26.46 -12.51 9.09
C ASP B 220 -25.83 -12.91 10.43
N MET B 221 -25.98 -12.05 11.42
CA MET B 221 -25.44 -12.27 12.77
C MET B 221 -26.56 -12.14 13.79
N PRO B 222 -26.50 -12.92 14.89
CA PRO B 222 -27.50 -12.69 15.94
C PRO B 222 -27.26 -11.35 16.60
N PRO B 223 -28.33 -10.59 16.90
CA PRO B 223 -28.14 -9.30 17.57
C PRO B 223 -27.35 -9.44 18.88
N PHE B 224 -26.79 -8.34 19.37
CA PHE B 224 -25.89 -8.36 20.52
C PHE B 224 -26.51 -9.08 21.70
N SER B 225 -25.77 -10.06 22.24
CA SER B 225 -26.11 -10.65 23.52
C SER B 225 -24.84 -10.61 24.36
N PRO B 226 -24.98 -10.49 25.69
CA PRO B 226 -23.80 -10.33 26.54
C PRO B 226 -22.93 -11.58 26.70
N GLU B 227 -23.44 -12.74 26.27
CA GLU B 227 -22.66 -13.99 26.34
C GLU B 227 -21.66 -14.13 25.19
N GLN B 228 -22.04 -13.68 24.00
CA GLN B 228 -21.25 -13.92 22.78
C GLN B 228 -20.44 -12.71 22.27
N ASP B 229 -21.02 -11.51 22.37
CA ASP B 229 -20.51 -10.35 21.65
C ASP B 229 -19.65 -9.42 22.49
N ARG B 230 -18.45 -9.14 21.98
CA ARG B 230 -17.56 -8.13 22.54
C ARG B 230 -17.43 -6.98 21.55
N VAL B 231 -17.41 -5.76 22.07
CA VAL B 231 -17.52 -4.56 21.23
C VAL B 231 -16.45 -3.52 21.59
N MET B 232 -15.79 -2.99 20.58
CA MET B 232 -14.88 -1.86 20.81
C MET B 232 -15.41 -0.68 20.01
N LEU B 233 -15.48 0.50 20.64
CA LEU B 233 -16.01 1.68 19.97
C LEU B 233 -14.97 2.79 19.88
N CYS B 234 -14.77 3.28 18.66
CA CYS B 234 -13.90 4.43 18.45
C CYS B 234 -14.52 5.39 17.45
N GLY B 235 -15.03 6.50 17.96
CA GLY B 235 -15.79 7.44 17.13
C GLY B 235 -15.97 8.77 17.82
N SER B 236 -16.84 9.60 17.25
CA SER B 236 -17.19 10.89 17.82
C SER B 236 -17.87 10.70 19.16
N THR B 237 -17.84 11.73 20.00
CA THR B 237 -18.51 11.69 21.31
C THR B 237 -19.98 11.30 21.14
N ALA B 238 -20.62 11.93 20.17
CA ALA B 238 -22.04 11.72 19.88
C ALA B 238 -22.32 10.26 19.58
N MET B 239 -21.49 9.64 18.73
CA MET B 239 -21.67 8.23 18.37
C MET B 239 -21.41 7.32 19.57
N LEU B 240 -20.45 7.68 20.41
CA LEU B 240 -20.13 6.90 21.59
C LEU B 240 -21.30 6.95 22.59
N LYS B 241 -21.87 8.14 22.79
CA LYS B 241 -23.02 8.33 23.71
C LYS B 241 -24.17 7.49 23.23
N ASP B 242 -24.60 7.73 21.99
CA ASP B 242 -25.70 7.00 21.35
C ASP B 242 -25.52 5.49 21.30
N THR B 243 -24.35 5.03 20.86
CA THR B 243 -24.12 3.59 20.69
C THR B 243 -24.02 2.83 22.00
N THR B 244 -23.40 3.42 23.04
CA THR B 244 -23.26 2.71 24.31
C THR B 244 -24.63 2.51 24.97
N GLU B 245 -25.51 3.51 24.84
CA GLU B 245 -26.91 3.38 25.31
C GLU B 245 -27.54 2.10 24.73
N LEU B 246 -27.35 1.86 23.44
CA LEU B 246 -27.86 0.64 22.80
C LEU B 246 -27.17 -0.62 23.30
N LEU B 247 -25.85 -0.55 23.52
CA LEU B 247 -25.16 -1.69 24.09
C LEU B 247 -25.76 -2.03 25.46
N LYS B 248 -25.87 -1.00 26.29
CA LYS B 248 -26.45 -1.09 27.63
C LYS B 248 -27.83 -1.75 27.60
N LYS B 249 -28.66 -1.35 26.64
CA LYS B 249 -29.98 -1.96 26.48
C LYS B 249 -29.93 -3.46 26.18
N ALA B 250 -28.96 -3.89 25.37
CA ALA B 250 -28.72 -5.32 25.13
C ALA B 250 -28.07 -6.04 26.33
N GLY B 251 -27.80 -5.29 27.39
CA GLY B 251 -27.25 -5.86 28.63
C GLY B 251 -25.74 -5.92 28.74
N LEU B 252 -25.04 -5.27 27.81
CA LEU B 252 -23.59 -5.24 27.85
C LEU B 252 -23.06 -4.24 28.86
N VAL B 253 -22.00 -4.61 29.56
CA VAL B 253 -21.37 -3.78 30.57
C VAL B 253 -19.98 -3.32 30.09
N GLU B 254 -19.60 -2.09 30.42
CA GLU B 254 -18.31 -1.56 30.04
C GLU B 254 -17.22 -2.27 30.81
N GLY B 255 -16.19 -2.73 30.11
CA GLY B 255 -15.00 -3.31 30.73
C GLY B 255 -14.04 -2.24 31.19
N LYS B 256 -13.20 -2.59 32.16
CA LYS B 256 -12.18 -1.70 32.73
C LYS B 256 -11.01 -2.57 33.23
N ASN B 257 -9.83 -1.96 33.43
CA ASN B 257 -8.66 -2.66 33.99
C ASN B 257 -9.00 -3.56 35.17
N SER B 258 -9.84 -3.04 36.06
CA SER B 258 -10.22 -3.77 37.25
C SER B 258 -11.06 -5.00 36.90
N ALA B 259 -12.10 -4.79 36.09
CA ALA B 259 -13.10 -5.81 35.82
C ALA B 259 -13.40 -5.91 34.33
N PRO B 260 -13.01 -7.04 33.71
CA PRO B 260 -13.26 -7.28 32.28
C PRO B 260 -14.74 -7.24 31.97
N GLY B 261 -15.10 -6.69 30.80
CA GLY B 261 -16.51 -6.46 30.46
C GLY B 261 -16.89 -6.89 29.06
N HIS B 262 -17.95 -6.27 28.53
CA HIS B 262 -18.43 -6.61 27.20
C HIS B 262 -18.05 -5.61 26.15
N TYR B 263 -17.76 -4.38 26.58
CA TYR B 263 -17.33 -3.33 25.64
C TYR B 263 -16.34 -2.33 26.21
N VAL B 264 -15.55 -1.73 25.31
CA VAL B 264 -14.64 -0.66 25.67
C VAL B 264 -14.77 0.44 24.63
N ILE B 265 -14.46 1.66 25.03
CA ILE B 265 -14.69 2.80 24.15
C ILE B 265 -13.52 3.76 24.20
N GLU B 266 -13.40 4.58 23.15
CA GLU B 266 -12.41 5.65 23.11
C GLU B 266 -12.87 6.68 22.08
N ARG B 267 -12.81 7.95 22.45
CA ARG B 267 -13.06 9.05 21.52
C ARG B 267 -12.04 9.10 20.36
N ALA B 268 -12.54 9.20 19.13
CA ALA B 268 -11.67 9.36 17.95
C ALA B 268 -11.12 10.78 17.85
N PHE B 269 -11.79 11.72 18.50
CA PHE B 269 -11.34 13.12 18.62
C PHE B 269 -12.09 13.85 19.73
N VAL B 270 -11.60 15.02 20.13
CA VAL B 270 -12.23 15.79 21.21
C VAL B 270 -13.05 16.93 20.62
N ASP B 271 -14.35 16.95 20.92
CA ASP B 271 -15.28 17.95 20.39
C ASP B 271 -14.95 19.35 20.89
PA FAD C . 16.04 13.79 -17.53
O1A FAD C . 15.04 12.98 -18.30
O2A FAD C . 16.42 15.16 -18.04
O5B FAD C . 17.34 12.93 -17.26
C5B FAD C . 18.27 13.30 -16.24
C4B FAD C . 19.28 12.17 -16.19
O4B FAD C . 18.92 11.18 -15.22
C3B FAD C . 19.25 11.48 -17.55
O3B FAD C . 20.46 11.65 -18.26
C2B FAD C . 19.03 10.03 -17.28
O2B FAD C . 20.04 9.26 -17.88
C1B FAD C . 19.01 9.87 -15.78
N9A FAD C . 17.72 9.21 -15.47
C8A FAD C . 16.53 9.63 -15.94
N7A FAD C . 15.53 8.83 -15.46
C5A FAD C . 16.10 7.89 -14.67
C6A FAD C . 15.62 6.75 -13.87
N6A FAD C . 14.30 6.44 -13.81
N1A FAD C . 16.55 6.02 -13.21
C2A FAD C . 17.86 6.31 -13.26
N3A FAD C . 18.36 7.34 -13.99
C4A FAD C . 17.55 8.15 -14.69
N1 FAD C . 11.50 7.09 -15.11
C2 FAD C . 10.81 6.82 -13.99
O2 FAD C . 11.15 7.40 -12.95
N3 FAD C . 9.79 5.91 -13.95
C4 FAD C . 9.40 5.25 -15.05
O4 FAD C . 8.47 4.44 -15.00
C4X FAD C . 10.10 5.50 -16.32
N5 FAD C . 9.76 4.84 -17.45
C5X FAD C . 10.40 5.08 -18.61
C6 FAD C . 10.03 4.38 -19.76
C7 FAD C . 10.70 4.63 -20.95
C7M FAD C . 10.31 3.88 -22.21
C8 FAD C . 11.79 5.63 -20.99
C8M FAD C . 12.52 5.89 -22.30
C9 FAD C . 12.17 6.33 -19.85
C9A FAD C . 11.50 6.09 -18.65
N10 FAD C . 11.87 6.77 -17.47
C10 FAD C . 11.18 6.50 -16.28
C1' FAD C . 12.89 7.80 -17.47
C2' FAD C . 12.00 9.09 -17.62
O2' FAD C . 11.36 9.20 -18.92
C3' FAD C . 12.63 10.45 -17.29
O3' FAD C . 13.92 10.61 -17.91
C4' FAD C . 12.69 10.66 -15.78
O4' FAD C . 11.36 11.01 -15.38
C5' FAD C . 13.60 11.83 -15.40
O5' FAD C . 13.17 13.00 -16.10
P FAD C . 13.92 14.39 -15.76
O1P FAD C . 13.41 15.40 -16.73
O2P FAD C . 13.80 14.64 -14.25
O3P FAD C . 15.47 13.99 -16.01
PA FAD D . -7.63 20.47 16.83
O1A FAD D . -7.41 19.24 17.67
O2A FAD D . -7.33 21.83 17.37
O5B FAD D . -9.14 20.33 16.41
C5B FAD D . -9.71 21.12 15.37
C4B FAD D . -11.17 20.71 15.19
O4B FAD D . -11.29 19.53 14.38
C3B FAD D . -11.84 20.41 16.51
O3B FAD D . -13.16 20.95 16.37
C2B FAD D . -11.97 18.91 16.56
O2B FAD D . -13.17 18.51 17.25
C1B FAD D . -11.96 18.49 15.10
N9A FAD D . -11.17 17.24 14.89
C8A FAD D . -9.92 17.04 15.35
N7A FAD D . -9.46 15.82 14.99
C5A FAD D . -10.42 15.22 14.27
C6A FAD D . -10.59 13.90 13.57
N6A FAD D . -9.61 12.98 13.58
N1A FAD D . -11.76 13.68 12.95
C2A FAD D . -12.76 14.60 12.92
N3A FAD D . -12.67 15.79 13.52
C4A FAD D . -11.55 16.16 14.20
N1 FAD D . -6.76 12.28 14.80
C2 FAD D . -6.28 11.66 13.67
O2 FAD D . -6.27 12.30 12.59
N3 FAD D . -5.84 10.38 13.67
C4 FAD D . -5.82 9.64 14.79
O4 FAD D . -5.40 8.47 14.78
C4X FAD D . -6.33 10.23 16.07
N5 FAD D . -6.35 9.53 17.25
C5X FAD D . -6.82 10.10 18.38
C6 FAD D . -6.85 9.37 19.56
C7 FAD D . -7.32 9.96 20.75
C7M FAD D . -7.36 9.17 22.04
C8 FAD D . -7.82 11.36 20.75
C8M FAD D . -8.33 12.03 22.02
C9 FAD D . -7.78 12.10 19.56
C9A FAD D . -7.31 11.51 18.37
N10 FAD D . -7.31 12.26 17.15
C10 FAD D . -6.82 11.63 15.98
C1' FAD D . -7.72 13.67 17.09
C2' FAD D . -6.34 14.36 17.19
O2' FAD D . -5.77 14.23 18.49
C3' FAD D . -6.16 15.85 16.82
O3' FAD D . -7.21 16.65 17.37
C4' FAD D . -6.04 16.04 15.32
O4' FAD D . -4.66 15.83 15.02
C5' FAD D . -6.39 17.48 14.93
O5' FAD D . -5.47 18.38 15.59
P FAD D . -5.30 19.93 15.22
O1P FAD D . -4.33 20.56 16.18
O2P FAD D . -4.97 20.10 13.76
O3P FAD D . -6.85 20.37 15.40
#